data_7Q7W
#
_entry.id   7Q7W
#
_cell.length_a   93.100
_cell.length_b   100.640
_cell.length_c   67.380
_cell.angle_alpha   90.000
_cell.angle_beta   90.000
_cell.angle_gamma   90.000
#
_symmetry.space_group_name_H-M   'C 2 2 21'
#
loop_
_entity.id
_entity.type
_entity.pdbx_description
1 polymer 'Tyrosine-protein kinase JAK2'
2 non-polymer 4-[2-[5-(dimethylamino)pentylamino]-8-[[(2~{S})-1-oxidanylpropan-2-yl]amino]quinazolin-6-yl]-5-ethyl-2-fluoranyl-phenol
3 water water
#
_entity_poly.entity_id   1
_entity_poly.type   'polypeptide(L)'
_entity_poly.pdbx_seq_one_letter_code
;MHHHHHHDYKDDDDKENLYFQGRDPTQFEERHLKFLQQLGKGNFGSVEMCRYDPLQDNTGEVVAVKKLQHSTEEHLRDFE
REIEILKSLQHDNIVKYKGVCYSAGRRNLKLIMEYLPYGSLRDYLQKHKERIDHIKLLQYTSQICKGMEYLGTKRYIHRD
LATRNILVENENRVKIGDFGLTKVLPQDKE(PTR)(PTR)KVKEPGESPIFWYAPESLTESKFSVASDVWSFGVVLYELF
TYIEKSKSPPAEFMRMIGNDKQGQSIVTHLIELLKNNGRLPRPDGCPDEIYMIMTECWNNNVNQRPSFRDLALRVDQIRD
NMAG
;
_entity_poly.pdbx_strand_id   A
#
loop_
_chem_comp.id
_chem_comp.type
_chem_comp.name
_chem_comp.formula
9HR non-polymer 4-[2-[5-(dimethylamino)pentylamino]-8-[[(2~{S})-1-oxidanylpropan-2-yl]amino]quinazolin-6-yl]-5-ethyl-2-fluoranyl-phenol 'C26 H36 F N5 O2'
#
# COMPACT_ATOMS: atom_id res chain seq x y z
N ASP A 24 -26.34 -12.34 7.38
CA ASP A 24 -26.81 -13.34 6.41
C ASP A 24 -26.15 -13.18 5.01
N PRO A 25 -26.23 -12.02 4.29
CA PRO A 25 -25.58 -11.94 2.98
C PRO A 25 -24.05 -11.85 3.09
N THR A 26 -23.55 -11.23 4.19
CA THR A 26 -22.12 -11.10 4.54
C THR A 26 -21.57 -12.43 5.11
N GLN A 27 -22.46 -13.47 5.21
CA GLN A 27 -22.17 -14.85 5.66
C GLN A 27 -21.87 -15.71 4.43
N PHE A 28 -20.57 -15.97 4.24
CA PHE A 28 -20.02 -16.72 3.12
C PHE A 28 -19.69 -18.13 3.55
N GLU A 29 -20.34 -19.13 2.95
CA GLU A 29 -20.06 -20.53 3.25
C GLU A 29 -19.03 -21.07 2.23
N GLU A 30 -17.97 -21.73 2.77
CA GLU A 30 -16.85 -22.31 2.02
C GLU A 30 -17.28 -23.20 0.89
N ARG A 31 -18.36 -23.97 1.07
CA ARG A 31 -18.87 -24.88 0.03
C ARG A 31 -19.35 -24.11 -1.23
N HIS A 32 -19.74 -22.83 -1.07
CA HIS A 32 -20.23 -22.03 -2.17
C HIS A 32 -19.14 -21.20 -2.84
N LEU A 33 -17.92 -21.18 -2.25
CA LEU A 33 -16.77 -20.46 -2.78
C LEU A 33 -16.05 -21.36 -3.80
N LYS A 34 -16.20 -21.06 -5.11
CA LYS A 34 -15.54 -21.82 -6.19
C LYS A 34 -14.23 -21.16 -6.53
N PHE A 35 -13.10 -21.89 -6.45
CA PHE A 35 -11.79 -21.33 -6.79
C PHE A 35 -11.73 -21.07 -8.29
N LEU A 36 -11.19 -19.91 -8.72
CA LEU A 36 -11.05 -19.63 -10.14
C LEU A 36 -9.58 -19.51 -10.54
N GLN A 37 -8.81 -18.65 -9.86
CA GLN A 37 -7.39 -18.44 -10.16
C GLN A 37 -6.63 -17.94 -8.94
N GLN A 38 -5.34 -18.22 -8.86
CA GLN A 38 -4.54 -17.70 -7.76
C GLN A 38 -4.08 -16.28 -8.16
N LEU A 39 -4.32 -15.31 -7.30
CA LEU A 39 -4.01 -13.90 -7.54
C LEU A 39 -2.63 -13.53 -7.07
N GLY A 40 -2.13 -14.26 -6.08
CA GLY A 40 -0.80 -14.01 -5.57
C GLY A 40 -0.62 -14.10 -4.08
N LYS A 41 0.37 -13.34 -3.60
CA LYS A 41 0.81 -13.27 -2.22
C LYS A 41 0.54 -11.92 -1.63
N GLY A 42 0.06 -11.93 -0.39
CA GLY A 42 -0.22 -10.76 0.41
C GLY A 42 0.81 -10.59 1.51
N ASN A 43 0.52 -9.73 2.51
CA ASN A 43 1.47 -9.44 3.58
C ASN A 43 1.71 -10.59 4.60
N PHE A 44 1.07 -11.79 4.43
CA PHE A 44 1.31 -12.99 5.26
C PHE A 44 0.43 -14.22 4.87
N GLY A 45 -0.15 -14.19 3.66
CA GLY A 45 -0.96 -15.29 3.14
C GLY A 45 -1.08 -15.26 1.63
N SER A 46 -2.05 -16.02 1.10
CA SER A 46 -2.31 -16.06 -0.33
C SER A 46 -3.70 -15.54 -0.68
N VAL A 47 -3.80 -14.91 -1.86
CA VAL A 47 -5.03 -14.34 -2.44
C VAL A 47 -5.48 -15.20 -3.65
N GLU A 48 -6.77 -15.56 -3.68
CA GLU A 48 -7.36 -16.30 -4.80
C GLU A 48 -8.59 -15.55 -5.31
N MET A 49 -8.82 -15.64 -6.61
CA MET A 49 -10.01 -15.13 -7.27
C MET A 49 -10.97 -16.32 -7.16
N CYS A 50 -12.12 -16.08 -6.51
CA CYS A 50 -13.15 -17.08 -6.29
C CYS A 50 -14.49 -16.57 -6.80
N ARG A 51 -15.41 -17.49 -7.16
CA ARG A 51 -16.77 -17.09 -7.51
C ARG A 51 -17.64 -17.57 -6.34
N TYR A 52 -18.35 -16.64 -5.68
CA TYR A 52 -19.23 -17.05 -4.60
C TYR A 52 -20.56 -17.42 -5.27
N ASP A 53 -20.77 -18.73 -5.47
CA ASP A 53 -21.90 -19.25 -6.23
C ASP A 53 -22.86 -20.16 -5.42
N PRO A 54 -23.71 -19.57 -4.52
CA PRO A 54 -24.62 -20.40 -3.72
C PRO A 54 -25.76 -21.08 -4.50
N LEU A 55 -25.96 -20.77 -5.80
CA LEU A 55 -27.00 -21.37 -6.66
C LEU A 55 -26.40 -22.37 -7.68
N GLN A 56 -25.06 -22.58 -7.66
CA GLN A 56 -24.29 -23.51 -8.49
C GLN A 56 -24.61 -23.42 -10.01
N ASP A 57 -24.91 -22.18 -10.50
CA ASP A 57 -25.23 -21.87 -11.89
C ASP A 57 -24.19 -20.96 -12.55
N ASN A 58 -23.04 -20.78 -11.85
CA ASN A 58 -21.90 -19.92 -12.21
C ASN A 58 -22.28 -18.42 -12.33
N THR A 59 -23.42 -18.00 -11.73
CA THR A 59 -23.90 -16.62 -11.78
C THR A 59 -23.53 -15.79 -10.55
N GLY A 60 -22.71 -16.36 -9.67
CA GLY A 60 -22.29 -15.69 -8.44
C GLY A 60 -21.26 -14.61 -8.68
N GLU A 61 -21.01 -13.82 -7.65
CA GLU A 61 -20.07 -12.71 -7.71
C GLU A 61 -18.65 -13.24 -7.63
N VAL A 62 -17.76 -12.63 -8.40
CA VAL A 62 -16.34 -12.93 -8.37
C VAL A 62 -15.76 -12.02 -7.30
N VAL A 63 -15.02 -12.62 -6.34
CA VAL A 63 -14.45 -11.94 -5.15
C VAL A 63 -12.95 -12.28 -5.03
N ALA A 64 -12.19 -11.50 -4.24
CA ALA A 64 -10.76 -11.77 -3.93
C ALA A 64 -10.78 -12.31 -2.51
N VAL A 65 -10.13 -13.46 -2.27
CA VAL A 65 -10.20 -14.16 -0.99
C VAL A 65 -8.82 -14.29 -0.41
N LYS A 66 -8.61 -13.80 0.82
CA LYS A 66 -7.31 -14.00 1.47
C LYS A 66 -7.49 -15.08 2.50
N LYS A 67 -6.58 -16.04 2.48
CA LYS A 67 -6.50 -17.12 3.43
C LYS A 67 -5.07 -17.19 3.94
N LEU A 68 -4.88 -17.51 5.24
CA LEU A 68 -3.55 -17.64 5.84
C LEU A 68 -2.90 -18.90 5.37
N GLN A 69 -1.62 -18.79 5.03
CA GLN A 69 -0.84 -19.94 4.60
C GLN A 69 -0.38 -20.77 5.81
N HIS A 70 0.14 -20.08 6.86
CA HIS A 70 0.61 -20.69 8.12
C HIS A 70 -0.13 -20.00 9.27
N SER A 71 -1.17 -20.68 9.79
CA SER A 71 -2.07 -20.18 10.83
C SER A 71 -1.49 -20.21 12.27
N THR A 72 -0.39 -19.47 12.53
CA THR A 72 0.19 -19.35 13.88
C THR A 72 -0.67 -18.43 14.77
N GLU A 73 -0.46 -18.48 16.10
CA GLU A 73 -1.23 -17.67 17.05
C GLU A 73 -1.05 -16.18 16.79
N GLU A 74 0.18 -15.75 16.52
CA GLU A 74 0.50 -14.36 16.22
C GLU A 74 -0.07 -13.97 14.86
N HIS A 75 0.04 -14.87 13.86
CA HIS A 75 -0.44 -14.63 12.49
C HIS A 75 -1.95 -14.56 12.37
N LEU A 76 -2.67 -15.40 13.14
CA LEU A 76 -4.14 -15.41 13.15
C LEU A 76 -4.68 -14.15 13.76
N ARG A 77 -4.02 -13.70 14.86
CA ARG A 77 -4.30 -12.46 15.59
C ARG A 77 -4.11 -11.25 14.65
N ASP A 78 -2.98 -11.21 13.90
CA ASP A 78 -2.71 -10.12 12.96
C ASP A 78 -3.73 -10.07 11.84
N PHE A 79 -4.14 -11.25 11.34
CA PHE A 79 -5.12 -11.40 10.28
C PHE A 79 -6.49 -10.93 10.82
N GLU A 80 -6.87 -11.30 12.08
CA GLU A 80 -8.13 -10.82 12.61
C GLU A 80 -8.12 -9.32 12.75
N ARG A 81 -6.96 -8.71 13.09
CA ARG A 81 -6.88 -7.23 13.23
C ARG A 81 -7.04 -6.57 11.86
N GLU A 82 -6.42 -7.15 10.83
CA GLU A 82 -6.50 -6.63 9.48
C GLU A 82 -7.99 -6.66 9.05
N ILE A 83 -8.65 -7.80 9.29
CA ILE A 83 -10.06 -7.99 8.98
C ILE A 83 -10.89 -6.93 9.71
N GLU A 84 -10.62 -6.69 10.99
CA GLU A 84 -11.33 -5.64 11.75
C GLU A 84 -11.05 -4.22 11.19
N ILE A 85 -9.80 -3.92 10.84
CA ILE A 85 -9.41 -2.64 10.28
C ILE A 85 -10.17 -2.45 8.97
N LEU A 86 -10.13 -3.40 8.03
CA LEU A 86 -10.80 -3.26 6.74
C LEU A 86 -12.28 -3.05 6.83
N LYS A 87 -12.90 -3.66 7.83
CA LYS A 87 -14.32 -3.63 8.11
C LYS A 87 -14.72 -2.23 8.55
N SER A 88 -13.80 -1.53 9.18
CA SER A 88 -14.11 -0.24 9.73
C SER A 88 -13.91 0.88 8.66
N LEU A 89 -13.39 0.57 7.45
CA LEU A 89 -13.08 1.56 6.43
C LEU A 89 -14.09 1.58 5.32
N GLN A 90 -14.71 2.76 5.07
CA GLN A 90 -15.64 3.00 3.96
C GLN A 90 -15.24 4.27 3.25
N HIS A 91 -14.50 4.10 2.13
CA HIS A 91 -14.01 5.22 1.32
C HIS A 91 -13.82 4.68 -0.09
N ASP A 92 -14.16 5.50 -1.08
CA ASP A 92 -14.06 5.22 -2.52
C ASP A 92 -12.70 4.76 -2.93
N ASN A 93 -11.67 5.19 -2.17
CA ASN A 93 -10.29 4.88 -2.52
C ASN A 93 -9.65 3.89 -1.55
N ILE A 94 -10.49 3.07 -0.87
CA ILE A 94 -10.03 1.98 -0.01
C ILE A 94 -10.77 0.79 -0.50
N VAL A 95 -10.04 -0.33 -0.80
CA VAL A 95 -10.63 -1.60 -1.27
C VAL A 95 -11.77 -2.03 -0.34
N LYS A 96 -12.93 -2.44 -0.92
CA LYS A 96 -14.10 -2.87 -0.13
C LYS A 96 -14.03 -4.28 0.47
N TYR A 97 -14.19 -4.35 1.78
CA TYR A 97 -14.38 -5.54 2.61
C TYR A 97 -15.78 -6.07 2.27
N LYS A 98 -15.93 -7.38 2.04
CA LYS A 98 -17.24 -7.96 1.76
C LYS A 98 -17.74 -8.85 2.90
N GLY A 99 -16.85 -9.67 3.45
CA GLY A 99 -17.23 -10.55 4.54
C GLY A 99 -16.11 -11.45 4.97
N VAL A 100 -16.46 -12.42 5.79
CA VAL A 100 -15.52 -13.42 6.30
CA VAL A 100 -15.51 -13.42 6.28
C VAL A 100 -16.15 -14.79 6.11
N CYS A 101 -15.35 -15.80 5.79
CA CYS A 101 -15.85 -17.16 5.63
C CYS A 101 -15.24 -17.96 6.79
N TYR A 102 -16.09 -18.45 7.71
CA TYR A 102 -15.68 -19.18 8.90
C TYR A 102 -15.80 -20.66 8.76
N SER A 103 -16.40 -21.13 7.67
CA SER A 103 -16.77 -22.55 7.51
C SER A 103 -15.67 -23.55 7.93
N ALA A 104 -14.39 -23.16 7.81
CA ALA A 104 -13.24 -23.99 8.16
C ALA A 104 -12.83 -23.93 9.65
N GLY A 105 -13.62 -23.24 10.47
CA GLY A 105 -13.31 -23.03 11.89
C GLY A 105 -12.55 -21.72 12.06
N ARG A 106 -12.64 -21.12 13.28
CA ARG A 106 -12.02 -19.82 13.62
C ARG A 106 -10.50 -19.74 13.43
N ARG A 107 -9.85 -20.88 13.24
CA ARG A 107 -8.41 -21.02 13.06
C ARG A 107 -8.07 -21.01 11.55
N ASN A 108 -9.11 -21.10 10.70
CA ASN A 108 -8.92 -21.11 9.25
C ASN A 108 -9.87 -20.13 8.52
N LEU A 109 -9.85 -18.87 9.00
CA LEU A 109 -10.59 -17.71 8.50
C LEU A 109 -10.23 -17.38 7.04
N LYS A 110 -11.21 -16.86 6.27
CA LYS A 110 -11.05 -16.40 4.88
C LYS A 110 -11.62 -15.00 4.83
N LEU A 111 -10.83 -14.03 4.32
CA LEU A 111 -11.26 -12.64 4.19
C LEU A 111 -11.77 -12.47 2.77
N ILE A 112 -12.98 -11.94 2.62
CA ILE A 112 -13.61 -11.74 1.31
C ILE A 112 -13.60 -10.28 1.00
N MET A 113 -12.97 -9.90 -0.10
CA MET A 113 -12.85 -8.51 -0.56
C MET A 113 -13.48 -8.38 -1.93
N GLU A 114 -13.72 -7.16 -2.35
CA GLU A 114 -14.16 -6.97 -3.74
C GLU A 114 -13.01 -7.36 -4.69
N TYR A 115 -13.35 -7.76 -5.89
CA TYR A 115 -12.35 -8.11 -6.87
C TYR A 115 -12.15 -6.88 -7.78
N LEU A 116 -10.92 -6.32 -7.82
CA LEU A 116 -10.61 -5.18 -8.69
C LEU A 116 -9.90 -5.74 -9.97
N PRO A 117 -10.64 -5.75 -11.08
CA PRO A 117 -10.22 -6.50 -12.26
C PRO A 117 -8.97 -6.03 -13.01
N TYR A 118 -8.52 -4.78 -12.80
CA TYR A 118 -7.34 -4.30 -13.50
C TYR A 118 -6.05 -4.65 -12.78
N GLY A 119 -6.16 -5.15 -11.56
CA GLY A 119 -4.98 -5.55 -10.80
C GLY A 119 -4.23 -4.42 -10.13
N SER A 120 -2.96 -4.68 -9.73
CA SER A 120 -2.18 -3.67 -9.02
C SER A 120 -1.79 -2.51 -9.90
N LEU A 121 -1.70 -1.30 -9.29
CA LEU A 121 -1.28 -0.12 -10.02
C LEU A 121 0.12 -0.33 -10.58
N ARG A 122 1.02 -1.02 -9.83
CA ARG A 122 2.35 -1.37 -10.31
C ARG A 122 2.27 -2.07 -11.66
N ASP A 123 1.48 -3.14 -11.75
CA ASP A 123 1.36 -3.95 -12.98
C ASP A 123 0.60 -3.24 -14.08
N TYR A 124 -0.40 -2.43 -13.71
CA TYR A 124 -1.18 -1.63 -14.65
C TYR A 124 -0.25 -0.59 -15.35
N LEU A 125 0.51 0.15 -14.54
CA LEU A 125 1.45 1.17 -15.03
C LEU A 125 2.64 0.55 -15.81
N GLN A 126 3.16 -0.60 -15.35
CA GLN A 126 4.25 -1.29 -16.05
C GLN A 126 3.74 -1.71 -17.42
N LYS A 127 2.46 -2.10 -17.51
CA LYS A 127 1.89 -2.58 -18.77
C LYS A 127 1.68 -1.47 -19.79
N HIS A 128 1.16 -0.32 -19.34
CA HIS A 128 0.80 0.77 -20.23
C HIS A 128 1.87 1.85 -20.35
N LYS A 129 2.76 1.95 -19.37
CA LYS A 129 3.87 2.90 -19.37
C LYS A 129 3.35 4.30 -19.72
N GLU A 130 4.09 5.08 -20.52
CA GLU A 130 3.75 6.46 -20.89
C GLU A 130 2.36 6.66 -21.57
N ARG A 131 1.59 5.57 -21.80
CA ARG A 131 0.23 5.68 -22.35
C ARG A 131 -0.76 6.27 -21.31
N ILE A 132 -0.40 6.22 -20.01
CA ILE A 132 -1.11 6.81 -18.87
C ILE A 132 -0.43 8.17 -18.74
N ASP A 133 -1.09 9.27 -19.09
CA ASP A 133 -0.43 10.58 -19.03
C ASP A 133 -0.29 11.15 -17.61
N HIS A 134 0.40 12.32 -17.47
CA HIS A 134 0.62 12.98 -16.17
C HIS A 134 -0.70 13.38 -15.48
N ILE A 135 -1.72 13.81 -16.27
CA ILE A 135 -3.06 14.16 -15.80
C ILE A 135 -3.67 12.95 -15.09
N LYS A 136 -3.61 11.78 -15.74
CA LYS A 136 -4.10 10.53 -15.17
C LYS A 136 -3.31 10.09 -13.94
N LEU A 137 -1.97 10.23 -13.95
CA LEU A 137 -1.15 9.85 -12.77
C LEU A 137 -1.50 10.74 -11.58
N LEU A 138 -1.84 12.01 -11.83
CA LEU A 138 -2.16 12.91 -10.72
C LEU A 138 -3.56 12.71 -10.20
N GLN A 139 -4.44 12.18 -11.06
CA GLN A 139 -5.77 11.75 -10.66
C GLN A 139 -5.56 10.55 -9.70
N TYR A 140 -4.68 9.58 -10.03
CA TYR A 140 -4.40 8.46 -9.11
C TYR A 140 -3.74 8.89 -7.81
N THR A 141 -2.80 9.82 -7.90
CA THR A 141 -2.07 10.42 -6.76
C THR A 141 -3.05 11.08 -5.80
N SER A 142 -4.03 11.82 -6.38
CA SER A 142 -5.05 12.53 -5.62
C SER A 142 -5.86 11.52 -4.84
N GLN A 143 -6.26 10.41 -5.51
CA GLN A 143 -7.06 9.33 -4.91
C GLN A 143 -6.32 8.64 -3.79
N ILE A 144 -5.02 8.34 -3.97
CA ILE A 144 -4.20 7.71 -2.92
C ILE A 144 -4.17 8.64 -1.68
N CYS A 145 -3.94 9.97 -1.88
CA CYS A 145 -3.95 10.98 -0.79
C CYS A 145 -5.25 10.96 0.01
N LYS A 146 -6.39 11.02 -0.69
CA LYS A 146 -7.72 11.01 -0.11
C LYS A 146 -7.94 9.70 0.72
N GLY A 147 -7.46 8.57 0.18
CA GLY A 147 -7.55 7.28 0.87
C GLY A 147 -6.73 7.27 2.13
N MET A 148 -5.47 7.74 2.03
CA MET A 148 -4.53 7.84 3.15
C MET A 148 -5.00 8.85 4.19
N GLU A 149 -5.60 9.96 3.74
CA GLU A 149 -6.09 10.98 4.68
C GLU A 149 -7.27 10.42 5.52
N TYR A 150 -8.16 9.69 4.89
CA TYR A 150 -9.31 9.10 5.61
C TYR A 150 -8.77 8.06 6.59
N LEU A 151 -7.82 7.24 6.14
CA LEU A 151 -7.16 6.24 6.95
C LEU A 151 -6.60 6.83 8.25
N GLY A 152 -5.93 7.97 8.12
CA GLY A 152 -5.33 8.72 9.21
C GLY A 152 -6.35 9.29 10.17
N THR A 153 -7.62 9.55 9.72
CA THR A 153 -8.63 10.10 10.67
C THR A 153 -9.01 9.05 11.70
N LYS A 154 -8.82 7.77 11.34
CA LYS A 154 -9.10 6.57 12.15
C LYS A 154 -7.85 6.17 12.94
N ARG A 155 -6.76 6.97 12.87
CA ARG A 155 -5.50 6.73 13.60
C ARG A 155 -4.84 5.40 13.17
N TYR A 156 -5.08 4.98 11.90
CA TYR A 156 -4.47 3.79 11.33
C TYR A 156 -3.20 4.20 10.55
N ILE A 157 -2.13 3.42 10.68
CA ILE A 157 -0.86 3.63 9.98
C ILE A 157 -0.83 2.48 9.01
N HIS A 158 -0.84 2.72 7.68
CA HIS A 158 -0.85 1.60 6.71
C HIS A 158 0.43 0.79 6.74
N ARG A 159 1.62 1.45 6.81
CA ARG A 159 2.92 0.76 6.93
C ARG A 159 3.38 -0.02 5.70
N ASP A 160 2.58 -0.07 4.63
CA ASP A 160 2.99 -0.78 3.44
C ASP A 160 2.48 -0.06 2.16
N LEU A 161 2.48 1.30 2.20
CA LEU A 161 2.07 2.06 0.99
C LEU A 161 3.15 1.91 -0.11
N ALA A 162 2.79 1.27 -1.27
CA ALA A 162 3.63 0.94 -2.42
C ALA A 162 2.70 0.69 -3.63
N THR A 163 3.13 0.97 -4.89
CA THR A 163 2.22 0.76 -6.02
C THR A 163 1.78 -0.70 -6.13
N ARG A 164 2.54 -1.65 -5.55
CA ARG A 164 2.19 -3.07 -5.56
C ARG A 164 0.95 -3.36 -4.74
N ASN A 165 0.67 -2.49 -3.74
CA ASN A 165 -0.43 -2.60 -2.77
C ASN A 165 -1.55 -1.58 -3.03
N ILE A 166 -1.56 -0.99 -4.21
CA ILE A 166 -2.60 -0.07 -4.64
C ILE A 166 -3.30 -0.79 -5.78
N LEU A 167 -4.63 -0.85 -5.74
CA LEU A 167 -5.36 -1.60 -6.78
C LEU A 167 -6.12 -0.71 -7.72
N VAL A 168 -6.25 -1.16 -8.97
CA VAL A 168 -6.91 -0.38 -10.03
C VAL A 168 -8.35 -0.89 -10.25
N GLU A 169 -9.38 -0.05 -9.99
CA GLU A 169 -10.76 -0.50 -10.22
C GLU A 169 -11.03 -0.37 -11.70
N ASN A 170 -10.71 0.81 -12.25
CA ASN A 170 -10.86 1.10 -13.69
C ASN A 170 -9.89 2.23 -14.06
N GLU A 171 -9.89 2.67 -15.32
CA GLU A 171 -8.94 3.71 -15.74
C GLU A 171 -9.16 5.05 -14.99
N ASN A 172 -10.29 5.20 -14.26
CA ASN A 172 -10.62 6.42 -13.51
C ASN A 172 -10.54 6.29 -12.00
N ARG A 173 -10.26 5.10 -11.47
CA ARG A 173 -10.23 4.96 -10.01
C ARG A 173 -9.27 3.90 -9.50
N VAL A 174 -8.44 4.31 -8.49
CA VAL A 174 -7.54 3.40 -7.79
C VAL A 174 -7.96 3.32 -6.31
N LYS A 175 -7.55 2.26 -5.64
CA LYS A 175 -7.91 2.08 -4.24
C LYS A 175 -6.74 1.54 -3.46
N ILE A 176 -6.57 1.92 -2.18
CA ILE A 176 -5.47 1.38 -1.37
C ILE A 176 -5.86 -0.01 -0.89
N GLY A 177 -4.94 -0.96 -1.06
CA GLY A 177 -5.10 -2.35 -0.66
C GLY A 177 -4.14 -2.74 0.45
N ASP A 178 -3.73 -4.00 0.45
CA ASP A 178 -2.94 -4.72 1.45
C ASP A 178 -2.74 -4.03 2.81
N PHE A 179 -3.72 -4.20 3.68
CA PHE A 179 -3.72 -3.66 5.03
C PHE A 179 -3.03 -4.62 5.97
N GLY A 180 -2.27 -5.55 5.40
CA GLY A 180 -1.61 -6.61 6.14
C GLY A 180 -0.65 -6.15 7.20
N LEU A 181 -0.09 -4.94 7.06
CA LEU A 181 0.86 -4.44 8.08
C LEU A 181 0.28 -3.30 8.90
N THR A 182 -0.99 -2.96 8.68
CA THR A 182 -1.60 -1.79 9.30
C THR A 182 -1.62 -1.89 10.82
N LYS A 183 -1.27 -0.77 11.48
CA LYS A 183 -1.25 -0.66 12.92
C LYS A 183 -2.18 0.47 13.34
N VAL A 184 -2.70 0.37 14.58
CA VAL A 184 -3.59 1.36 15.15
C VAL A 184 -2.69 2.06 16.15
N LEU A 185 -2.74 3.37 16.17
CA LEU A 185 -1.87 4.13 17.07
C LEU A 185 -2.36 3.97 18.54
N PRO A 186 -1.44 3.93 19.53
CA PRO A 186 -1.87 3.98 20.93
C PRO A 186 -2.69 5.26 21.10
N GLN A 187 -3.57 5.32 22.09
CA GLN A 187 -4.40 6.48 22.36
C GLN A 187 -3.56 7.66 22.79
N ASP A 188 -2.45 7.37 23.47
CA ASP A 188 -1.53 8.34 24.09
C ASP A 188 -0.28 8.73 23.24
N LYS A 189 -0.13 8.18 22.01
CA LYS A 189 1.07 8.38 21.21
C LYS A 189 0.78 8.66 19.75
N GLU A 190 1.70 9.37 19.07
CA GLU A 190 1.54 9.71 17.66
C GLU A 190 2.36 8.80 16.74
N PTR A 191 2.95 7.75 17.32
CA PTR A 191 3.67 6.74 16.58
C PTR A 191 3.38 5.35 17.19
O PTR A 191 2.94 5.24 18.34
CB PTR A 191 5.20 7.00 16.58
CG PTR A 191 5.82 6.89 17.95
CD1 PTR A 191 5.96 8.01 18.74
CD2 PTR A 191 6.21 5.66 18.46
CE1 PTR A 191 6.50 7.92 20.01
CE2 PTR A 191 6.75 5.55 19.73
CZ PTR A 191 6.90 6.69 20.50
OH PTR A 191 7.41 6.57 21.81
P PTR A 191 8.69 7.35 22.34
O1P PTR A 191 9.95 6.92 21.55
O2P PTR A 191 8.43 8.90 22.23
O3P PTR A 191 8.70 6.93 23.85
N PTR A 192 3.65 4.32 16.43
CA PTR A 192 3.54 2.94 16.86
C PTR A 192 4.95 2.30 16.71
O PTR A 192 5.48 2.31 15.61
CB PTR A 192 2.49 2.20 15.99
CG PTR A 192 2.22 0.80 16.50
CD1 PTR A 192 1.23 0.57 17.44
CD2 PTR A 192 3.06 -0.24 16.14
CE1 PTR A 192 1.04 -0.70 17.97
CE2 PTR A 192 2.90 -1.50 16.68
CZ PTR A 192 1.86 -1.75 17.55
OH PTR A 192 1.86 -3.01 18.11
P PTR A 192 0.71 -4.07 18.13
O1P PTR A 192 1.33 -5.15 17.30
O2P PTR A 192 -0.65 -3.56 17.60
O3P PTR A 192 0.68 -4.38 19.57
N LYS A 193 5.54 1.77 17.80
CA LYS A 193 6.85 1.12 17.77
C LYS A 193 6.71 -0.39 17.53
N VAL A 194 7.25 -0.94 16.42
CA VAL A 194 7.18 -2.39 16.13
C VAL A 194 8.37 -3.04 16.84
N LYS A 195 8.11 -3.89 17.86
CA LYS A 195 9.15 -4.50 18.70
C LYS A 195 9.98 -5.59 18.01
N GLU A 196 9.33 -6.47 17.25
CA GLU A 196 10.03 -7.54 16.52
C GLU A 196 9.55 -7.59 15.08
N PRO A 197 10.07 -6.70 14.21
CA PRO A 197 9.59 -6.68 12.81
C PRO A 197 9.69 -7.98 12.06
N GLY A 198 8.76 -8.16 11.12
CA GLY A 198 8.77 -9.26 10.15
C GLY A 198 9.39 -8.73 8.88
N GLU A 199 8.96 -9.23 7.69
CA GLU A 199 9.47 -8.78 6.38
C GLU A 199 9.03 -7.32 6.21
N SER A 200 10.01 -6.43 6.01
CA SER A 200 9.80 -4.97 5.98
C SER A 200 10.15 -4.34 4.65
N PRO A 201 9.30 -3.48 4.02
CA PRO A 201 9.70 -2.95 2.70
C PRO A 201 10.63 -1.76 2.95
N ILE A 202 11.86 -2.03 3.43
CA ILE A 202 12.82 -1.03 3.86
C ILE A 202 13.08 0.08 2.84
N PHE A 203 12.93 -0.21 1.52
CA PHE A 203 13.18 0.85 0.55
C PHE A 203 12.08 1.86 0.45
N TRP A 204 10.97 1.61 1.17
CA TRP A 204 9.89 2.59 1.22
C TRP A 204 9.84 3.21 2.64
N TYR A 205 10.80 2.84 3.51
CA TYR A 205 10.72 3.23 4.91
C TYR A 205 11.31 4.59 5.25
N ALA A 206 10.65 5.32 6.18
CA ALA A 206 11.18 6.59 6.67
C ALA A 206 12.50 6.32 7.48
N PRO A 207 13.45 7.27 7.68
CA PRO A 207 14.64 6.95 8.49
C PRO A 207 14.33 6.48 9.91
N GLU A 208 13.31 7.06 10.55
CA GLU A 208 12.96 6.72 11.93
C GLU A 208 12.31 5.33 12.01
N SER A 209 11.78 4.85 10.89
CA SER A 209 11.19 3.50 10.80
C SER A 209 12.35 2.49 10.68
N LEU A 210 13.44 2.85 9.95
CA LEU A 210 14.61 1.99 9.81
C LEU A 210 15.43 2.00 11.08
N THR A 211 15.59 3.16 11.71
CA THR A 211 16.40 3.26 12.93
C THR A 211 15.72 2.82 14.22
N GLU A 212 14.51 3.34 14.48
CA GLU A 212 13.80 3.13 15.74
C GLU A 212 12.56 2.23 15.66
N SER A 213 12.22 1.80 14.42
CA SER A 213 11.04 0.97 14.12
C SER A 213 9.77 1.66 14.59
N LYS A 214 9.73 3.01 14.39
CA LYS A 214 8.61 3.89 14.77
C LYS A 214 7.82 4.24 13.51
N PHE A 215 6.50 4.02 13.53
CA PHE A 215 5.60 4.24 12.38
C PHE A 215 4.51 5.23 12.78
N SER A 216 4.19 6.15 11.87
CA SER A 216 3.27 7.23 12.14
C SER A 216 2.65 7.67 10.83
N VAL A 217 1.74 8.64 10.90
CA VAL A 217 1.14 9.20 9.69
C VAL A 217 2.31 9.77 8.84
N ALA A 218 3.33 10.35 9.52
CA ALA A 218 4.45 10.96 8.88
C ALA A 218 5.29 9.96 8.12
N SER A 219 5.42 8.73 8.64
CA SER A 219 6.16 7.68 7.92
C SER A 219 5.33 7.16 6.73
N ASP A 220 3.99 7.22 6.78
CA ASP A 220 3.23 6.84 5.57
C ASP A 220 3.37 7.93 4.53
N VAL A 221 3.47 9.23 4.95
CA VAL A 221 3.71 10.35 4.02
C VAL A 221 5.05 10.09 3.30
N TRP A 222 6.12 9.71 4.06
CA TRP A 222 7.42 9.39 3.46
C TRP A 222 7.25 8.32 2.38
N SER A 223 6.49 7.24 2.70
CA SER A 223 6.19 6.15 1.76
C SER A 223 5.39 6.61 0.56
N PHE A 224 4.45 7.55 0.79
CA PHE A 224 3.66 8.16 -0.27
C PHE A 224 4.61 8.85 -1.28
N GLY A 225 5.62 9.60 -0.80
CA GLY A 225 6.63 10.21 -1.68
C GLY A 225 7.32 9.17 -2.54
N VAL A 226 7.51 7.99 -1.99
CA VAL A 226 8.11 6.91 -2.77
C VAL A 226 7.12 6.43 -3.86
N VAL A 227 5.84 6.31 -3.54
CA VAL A 227 4.75 5.91 -4.47
C VAL A 227 4.67 6.90 -5.62
N LEU A 228 4.73 8.19 -5.28
CA LEU A 228 4.76 9.24 -6.32
C LEU A 228 6.00 9.06 -7.20
N TYR A 229 7.16 8.74 -6.58
CA TYR A 229 8.37 8.45 -7.37
C TYR A 229 8.06 7.29 -8.32
N GLU A 230 7.53 6.17 -7.78
CA GLU A 230 7.16 4.97 -8.55
C GLU A 230 6.28 5.32 -9.74
N LEU A 231 5.19 6.06 -9.49
CA LEU A 231 4.27 6.46 -10.57
C LEU A 231 4.99 7.14 -11.76
N PHE A 232 5.77 8.20 -11.47
CA PHE A 232 6.50 8.97 -12.48
C PHE A 232 7.69 8.20 -13.10
N THR A 233 8.07 7.02 -12.55
CA THR A 233 9.09 6.27 -13.25
C THR A 233 8.43 5.31 -14.20
N TYR A 234 7.10 5.13 -14.09
CA TYR A 234 6.34 4.20 -14.94
C TYR A 234 6.81 2.77 -14.75
N ILE A 235 7.36 2.45 -13.55
CA ILE A 235 7.86 1.11 -13.17
C ILE A 235 8.96 0.62 -14.14
N GLU A 236 9.88 1.53 -14.60
CA GLU A 236 11.01 1.18 -15.47
C GLU A 236 11.92 0.34 -14.56
N LYS A 237 12.16 -0.90 -14.96
CA LYS A 237 12.93 -1.92 -14.21
C LYS A 237 14.14 -1.39 -13.38
N SER A 238 15.13 -0.77 -14.04
CA SER A 238 16.32 -0.25 -13.38
C SER A 238 16.09 1.01 -12.52
N LYS A 239 14.88 1.53 -12.50
CA LYS A 239 14.56 2.77 -11.81
C LYS A 239 13.75 2.59 -10.51
N SER A 240 13.36 1.36 -10.18
CA SER A 240 12.63 1.05 -8.95
C SER A 240 13.39 1.56 -7.71
N PRO A 241 12.71 1.90 -6.62
CA PRO A 241 13.42 2.31 -5.39
C PRO A 241 14.52 1.33 -4.90
N PRO A 242 14.35 -0.02 -4.86
CA PRO A 242 15.48 -0.88 -4.45
C PRO A 242 16.66 -0.81 -5.40
N ALA A 243 16.39 -0.68 -6.70
CA ALA A 243 17.46 -0.63 -7.67
C ALA A 243 18.27 0.62 -7.46
N GLU A 244 17.58 1.76 -7.30
CA GLU A 244 18.26 3.03 -7.15
C GLU A 244 18.99 3.14 -5.86
N PHE A 245 18.35 2.75 -4.76
CA PHE A 245 19.02 2.81 -3.46
C PHE A 245 20.21 1.87 -3.38
N MET A 246 20.09 0.65 -3.94
CA MET A 246 21.19 -0.32 -3.96
C MET A 246 22.38 0.21 -4.76
N ARG A 247 22.08 0.94 -5.84
CA ARG A 247 23.13 1.52 -6.70
C ARG A 247 23.81 2.60 -5.88
N MET A 248 23.04 3.35 -5.08
CA MET A 248 23.58 4.40 -4.21
C MET A 248 24.41 3.85 -3.06
N ILE A 249 23.95 2.82 -2.38
CA ILE A 249 24.77 2.32 -1.26
C ILE A 249 25.86 1.35 -1.71
N GLY A 250 25.70 0.80 -2.91
CA GLY A 250 26.64 -0.14 -3.53
C GLY A 250 25.99 -1.50 -3.63
N ASN A 251 25.99 -2.13 -4.82
CA ASN A 251 25.38 -3.46 -5.02
C ASN A 251 26.12 -4.59 -4.24
N ASP A 252 27.25 -4.25 -3.61
CA ASP A 252 28.05 -5.18 -2.80
C ASP A 252 27.48 -5.34 -1.39
N LYS A 253 26.54 -4.45 -0.98
CA LYS A 253 25.92 -4.53 0.33
C LYS A 253 24.87 -5.63 0.36
N GLN A 254 24.94 -6.48 1.43
CA GLN A 254 24.04 -7.62 1.58
C GLN A 254 23.45 -7.70 2.98
N GLY A 255 22.20 -8.15 3.06
CA GLY A 255 21.48 -8.36 4.33
C GLY A 255 21.42 -7.13 5.20
N GLN A 256 21.67 -7.32 6.52
CA GLN A 256 21.63 -6.25 7.54
C GLN A 256 22.43 -5.00 7.11
N SER A 257 23.61 -5.21 6.48
CA SER A 257 24.49 -4.14 5.98
CA SER A 257 24.48 -4.13 5.98
C SER A 257 23.72 -3.17 5.10
N ILE A 258 22.72 -3.70 4.31
CA ILE A 258 21.90 -2.81 3.45
C ILE A 258 21.23 -1.76 4.31
N VAL A 259 20.60 -2.19 5.44
CA VAL A 259 19.87 -1.32 6.34
C VAL A 259 20.80 -0.26 6.96
N THR A 260 21.96 -0.66 7.47
CA THR A 260 22.96 0.23 8.08
C THR A 260 23.35 1.34 7.09
N HIS A 261 23.70 0.97 5.84
CA HIS A 261 24.10 1.93 4.80
C HIS A 261 22.98 2.77 4.32
N LEU A 262 21.76 2.21 4.20
CA LEU A 262 20.57 2.98 3.78
C LEU A 262 20.30 4.11 4.80
N ILE A 263 20.40 3.78 6.09
CA ILE A 263 20.16 4.75 7.20
C ILE A 263 21.16 5.90 7.04
N GLU A 264 22.46 5.59 6.89
CA GLU A 264 23.49 6.63 6.78
C GLU A 264 23.31 7.46 5.52
N LEU A 265 22.87 6.84 4.41
CA LEU A 265 22.64 7.53 3.15
C LEU A 265 21.50 8.52 3.34
N LEU A 266 20.35 8.07 3.91
CA LEU A 266 19.21 8.99 4.13
C LEU A 266 19.54 10.14 5.04
N LYS A 267 20.30 9.88 6.12
CA LYS A 267 20.79 10.88 7.08
C LYS A 267 21.63 11.95 6.39
N ASN A 268 22.37 11.57 5.32
CA ASN A 268 23.26 12.45 4.53
C ASN A 268 22.62 13.00 3.27
N ASN A 269 21.27 12.98 3.24
CA ASN A 269 20.43 13.50 2.16
C ASN A 269 20.50 12.77 0.83
N GLY A 270 20.98 11.54 0.83
CA GLY A 270 20.87 10.68 -0.34
C GLY A 270 19.41 10.43 -0.60
N ARG A 271 18.96 10.64 -1.83
CA ARG A 271 17.53 10.46 -2.16
C ARG A 271 17.36 9.91 -3.54
N LEU A 272 16.16 9.42 -3.85
CA LEU A 272 15.87 8.94 -5.22
C LEU A 272 15.87 10.16 -6.15
N PRO A 273 16.27 9.94 -7.40
CA PRO A 273 16.37 11.04 -8.35
C PRO A 273 15.01 11.47 -8.88
N ARG A 274 14.99 12.60 -9.57
CA ARG A 274 13.80 13.04 -10.23
C ARG A 274 13.57 12.09 -11.42
N PRO A 275 12.40 11.42 -11.49
CA PRO A 275 12.13 10.53 -12.64
C PRO A 275 12.26 11.25 -13.99
N ASP A 276 12.70 10.53 -15.05
CA ASP A 276 12.81 11.14 -16.37
C ASP A 276 11.46 11.69 -16.80
N GLY A 277 11.45 12.99 -17.10
CA GLY A 277 10.27 13.71 -17.56
C GLY A 277 9.30 14.13 -16.47
N CYS A 278 9.67 13.91 -15.19
CA CYS A 278 8.80 14.28 -14.07
C CYS A 278 8.67 15.78 -14.00
N PRO A 279 7.44 16.36 -13.96
CA PRO A 279 7.32 17.81 -13.77
C PRO A 279 7.97 18.20 -12.43
N ASP A 280 8.77 19.30 -12.40
CA ASP A 280 9.45 19.74 -11.19
C ASP A 280 8.51 19.96 -10.00
N GLU A 281 7.25 20.40 -10.27
CA GLU A 281 6.23 20.65 -9.26
CA GLU A 281 6.18 20.64 -9.31
C GLU A 281 5.98 19.39 -8.46
N ILE A 282 5.91 18.24 -9.14
CA ILE A 282 5.67 16.92 -8.61
C ILE A 282 6.87 16.40 -7.85
N TYR A 283 8.09 16.65 -8.36
CA TYR A 283 9.30 16.22 -7.68
C TYR A 283 9.46 17.00 -6.36
N MET A 284 8.98 18.26 -6.31
CA MET A 284 9.03 19.11 -5.12
C MET A 284 8.27 18.44 -3.97
N ILE A 285 7.07 17.93 -4.28
CA ILE A 285 6.23 17.18 -3.35
C ILE A 285 6.99 15.92 -2.82
N MET A 286 7.55 15.09 -3.72
CA MET A 286 8.32 13.89 -3.33
C MET A 286 9.37 14.28 -2.28
N THR A 287 10.24 15.28 -2.62
CA THR A 287 11.33 15.70 -1.73
C THR A 287 10.82 16.26 -0.42
N GLU A 288 9.59 16.88 -0.40
CA GLU A 288 8.97 17.38 0.83
C GLU A 288 8.54 16.21 1.69
N CYS A 289 8.06 15.13 1.06
CA CYS A 289 7.68 13.95 1.81
C CYS A 289 8.91 13.30 2.42
N TRP A 290 10.02 13.32 1.69
CA TRP A 290 11.24 12.70 2.15
C TRP A 290 12.04 13.62 3.08
N ASN A 291 11.39 14.27 4.02
CA ASN A 291 12.11 15.13 4.94
C ASN A 291 12.55 14.34 6.18
N ASN A 292 13.83 14.42 6.53
CA ASN A 292 14.33 13.73 7.72
C ASN A 292 13.60 14.20 8.98
N ASN A 293 13.15 15.47 9.03
CA ASN A 293 12.41 15.96 10.18
C ASN A 293 10.96 15.51 10.00
N VAL A 294 10.51 14.64 10.90
CA VAL A 294 9.15 14.07 10.90
C VAL A 294 8.08 15.18 10.86
N ASN A 295 8.26 16.21 11.71
CA ASN A 295 7.29 17.28 11.81
C ASN A 295 7.20 18.15 10.57
N GLN A 296 8.26 18.18 9.73
CA GLN A 296 8.29 19.01 8.52
C GLN A 296 7.60 18.39 7.32
N ARG A 297 7.16 17.12 7.41
CA ARG A 297 6.49 16.48 6.28
C ARG A 297 5.07 17.00 6.07
N PRO A 298 4.60 17.05 4.80
CA PRO A 298 3.26 17.58 4.54
C PRO A 298 2.20 16.64 5.08
N SER A 299 0.99 17.16 5.34
CA SER A 299 -0.12 16.31 5.76
C SER A 299 -0.74 15.70 4.50
N PHE A 300 -1.57 14.68 4.63
CA PHE A 300 -2.23 14.13 3.44
C PHE A 300 -3.35 15.08 3.03
N ARG A 301 -3.91 15.86 3.98
CA ARG A 301 -4.96 16.84 3.67
CA ARG A 301 -4.95 16.85 3.68
C ARG A 301 -4.36 17.87 2.71
N ASP A 302 -3.19 18.44 3.07
CA ASP A 302 -2.48 19.43 2.23
C ASP A 302 -1.94 18.83 0.93
N LEU A 303 -1.51 17.56 0.94
CA LEU A 303 -1.03 16.94 -0.30
C LEU A 303 -2.17 16.81 -1.30
N ALA A 304 -3.38 16.43 -0.82
CA ALA A 304 -4.54 16.28 -1.70
C ALA A 304 -4.98 17.62 -2.24
N LEU A 305 -4.92 18.70 -1.41
CA LEU A 305 -5.25 20.00 -1.94
C LEU A 305 -4.23 20.44 -3.02
N ARG A 306 -2.93 20.16 -2.78
CA ARG A 306 -1.88 20.61 -3.70
C ARG A 306 -1.94 19.87 -5.03
N VAL A 307 -2.10 18.55 -4.99
CA VAL A 307 -2.18 17.72 -6.22
C VAL A 307 -3.43 18.15 -7.00
N ASP A 308 -4.56 18.43 -6.32
CA ASP A 308 -5.77 18.88 -7.02
C ASP A 308 -5.59 20.23 -7.71
N GLN A 309 -4.79 21.12 -7.11
CA GLN A 309 -4.52 22.43 -7.68
C GLN A 309 -3.60 22.27 -8.92
N ILE A 310 -2.65 21.34 -8.84
CA ILE A 310 -1.76 20.99 -9.95
C ILE A 310 -2.59 20.49 -11.13
N ARG A 311 -3.51 19.53 -10.88
CA ARG A 311 -4.39 18.97 -11.90
C ARG A 311 -5.29 20.06 -12.53
N ASP A 312 -5.73 21.04 -11.73
CA ASP A 312 -6.54 22.16 -12.21
C ASP A 312 -5.70 23.04 -13.15
N ASN A 313 -4.43 23.31 -12.77
CA ASN A 313 -3.50 24.11 -13.58
C ASN A 313 -3.12 23.41 -14.90
N MET A 314 -3.33 22.09 -14.98
CA MET A 314 -3.01 21.29 -16.15
C MET A 314 -4.17 21.17 -17.12
N ALA A 315 -5.41 20.97 -16.60
CA ALA A 315 -6.64 20.82 -17.38
C ALA A 315 -6.94 22.07 -18.21
N1 9HR B . -6.46 -8.33 -6.21
N3 9HR B . -4.97 -9.09 -14.76
C4 9HR B . -6.31 -6.56 2.04
C5 9HR B . -6.52 -5.64 1.04
C6 9HR B . -6.62 -5.97 -0.29
C7 9HR B . -6.52 -7.32 -0.66
C8 9HR B . -6.62 -7.71 -2.09
C10 9HR B . -5.42 -8.43 -4.09
C13 9HR B . -2.04 -7.63 -4.92
C15 9HR B . -7.55 -7.99 -6.92
C17 9HR B . -6.43 -8.89 -10.34
C20 9HR B . -5.38 -8.68 -13.42
C21 9HR B . -6.05 -9.84 -15.41
C22 9HR B . -4.58 -7.93 -15.56
C24 9HR B . -7.73 -7.60 -4.25
F 9HR B . -6.61 -4.34 1.43
O 9HR B . -6.21 -6.17 3.34
C3 9HR B . -6.21 -7.89 1.67
C2 9HR B . -6.31 -8.28 0.35
C1 9HR B . -6.18 -9.75 0.01
C 9HR B . -7.65 -10.41 -0.10
C25 9HR B . -7.73 -7.42 -2.85
C14 9HR B . -6.56 -8.13 -4.88
N 9HR B . -4.25 -8.78 -4.77
C11 9HR B . -2.87 -8.80 -4.27
O1 9HR B . -1.83 -6.57 -3.97
C12 9HR B . -2.20 -10.11 -4.59
C9 9HR B . -5.48 -8.23 -2.71
C23 9HR B . -8.75 -7.27 -5.17
N4 9HR B . -8.69 -7.47 -6.46
N2 9HR B . -7.45 -8.12 -8.26
C16 9HR B . -6.25 -8.65 -8.88
C18 9HR B . -5.08 -9.18 -10.96
C19 9HR B . -5.14 -9.73 -12.36
#